data_3HBV
#
_entry.id   3HBV
#
_cell.length_a   101.961
_cell.length_b   101.961
_cell.length_c   123.222
_cell.angle_alpha   90.000
_cell.angle_beta   90.000
_cell.angle_gamma   120.000
#
_symmetry.space_group_name_H-M   'P 31 2 1'
#
loop_
_entity.id
_entity.type
_entity.pdbx_description
1 polymer 'Secreted protease C'
2 polymer 'Uncharacterized peptide'
3 non-polymer 'CALCIUM ION'
4 non-polymer 'ZINC ION'
5 non-polymer 'CHLORIDE ION'
6 water water
#
loop_
_entity_poly.entity_id
_entity_poly.type
_entity_poly.pdbx_seq_one_letter_code
_entity_poly.pdbx_strand_id
1 'polypeptide(L)'
;ANTSSAYNSVYDFLRYHDRGDGLTVNGKTSYSIDQAAAQITRENVSWNGTNVFGKSANLTFKFLQSVSSIPSGDTGFVKF
NAEQIEQAKLSLQSWSDVANLTFTEVTGNKSANITFGNYTRDASGNLDYGTQAYAYYPGNYQGAGSSWYNYNQSNIRNPG
SEEYGRQTFTHEIGHALGLAHPGEYNAGEGDPSYNDAVYAEDSYQFSIASYWGENETGADYNGHYGGAPMIDDIAAIQRL
YGANMTTRTGDSVYGFNSNTDRDFYTATDSSKALIFSVWDAGGTDTFDFSGYSNNQRINLNEGSFSDVGGLKGNVSIAHG
VTIENAIGGSGNDILVGNSADNILQGGAGNDVLYGGAGADTLYGGAGRDTFVYGSGQDSTVAAYDWIADFQKGIDKIDLS
AFRNEGQLSFVQDQFTGKGQEVMLQWDAANSITNLWLHEAGHSSVDFLVRIVGQAAQSDIIV
;
P
2 'polypeptide(L)' AKASQAA Z
#
loop_
_chem_comp.id
_chem_comp.type
_chem_comp.name
_chem_comp.formula
CA non-polymer 'CALCIUM ION' 'Ca 2'
CL non-polymer 'CHLORIDE ION' 'Cl -1'
ZN non-polymer 'ZINC ION' 'Zn 2'
#
# COMPACT_ATOMS: atom_id res chain seq x y z
N ASN A 44 1.29 -25.94 -7.11
CA ASN A 44 2.17 -24.97 -6.46
C ASN A 44 3.64 -25.17 -6.85
N VAL A 45 3.98 -24.79 -8.08
CA VAL A 45 5.34 -24.96 -8.57
C VAL A 45 6.19 -23.75 -8.24
N SER A 46 7.41 -23.99 -7.77
CA SER A 46 8.38 -22.93 -7.57
C SER A 46 9.71 -23.43 -8.10
N TRP A 47 10.73 -22.57 -8.07
CA TRP A 47 12.06 -23.01 -8.49
C TRP A 47 12.65 -24.06 -7.54
N ASN A 48 12.02 -24.27 -6.39
CA ASN A 48 12.51 -25.26 -5.44
C ASN A 48 11.83 -26.62 -5.58
N GLY A 49 10.86 -26.70 -6.48
CA GLY A 49 10.13 -27.95 -6.69
C GLY A 49 8.63 -27.75 -6.56
N THR A 50 7.90 -28.82 -6.32
CA THR A 50 6.46 -28.74 -6.18
C THR A 50 6.04 -28.84 -4.72
N ASN A 51 5.09 -28.00 -4.32
CA ASN A 51 4.61 -27.98 -2.94
C ASN A 51 5.76 -27.81 -1.94
N VAL A 52 6.74 -26.98 -2.30
CA VAL A 52 7.82 -26.60 -1.41
C VAL A 52 7.55 -25.16 -1.00
N PHE A 53 7.27 -24.94 0.27
CA PHE A 53 6.82 -23.63 0.74
C PHE A 53 7.79 -22.96 1.70
N GLY A 54 7.88 -21.64 1.60
CA GLY A 54 8.69 -20.85 2.51
C GLY A 54 10.17 -21.08 2.37
N LYS A 55 10.62 -21.46 1.17
CA LYS A 55 12.04 -21.72 0.94
C LYS A 55 12.63 -20.73 -0.06
N SER A 56 13.68 -20.02 0.36
CA SER A 56 14.28 -18.99 -0.47
C SER A 56 14.88 -19.58 -1.74
N ALA A 57 15.17 -18.71 -2.72
CA ALA A 57 15.85 -19.14 -3.92
C ALA A 57 16.84 -18.08 -4.39
N ASN A 58 17.98 -18.54 -4.87
CA ASN A 58 18.96 -17.70 -5.51
C ASN A 58 18.88 -18.02 -7.01
N LEU A 59 18.41 -17.05 -7.79
CA LEU A 59 18.13 -17.30 -9.20
C LEU A 59 19.01 -16.45 -10.13
N THR A 60 19.23 -16.95 -11.33
CA THR A 60 19.96 -16.21 -12.35
C THR A 60 18.99 -15.71 -13.42
N PHE A 61 19.34 -14.61 -14.08
CA PHE A 61 18.54 -14.12 -15.19
C PHE A 61 19.47 -13.67 -16.32
N LYS A 62 18.93 -13.64 -17.54
CA LYS A 62 19.75 -13.36 -18.71
C LYS A 62 18.92 -12.67 -19.80
N PHE A 63 19.49 -11.64 -20.40
CA PHE A 63 18.88 -11.00 -21.56
C PHE A 63 19.46 -11.69 -22.78
N LEU A 64 18.66 -12.53 -23.42
CA LEU A 64 19.15 -13.32 -24.54
C LEU A 64 19.63 -12.41 -25.66
N GLN A 65 20.77 -12.74 -26.27
CA GLN A 65 21.30 -11.97 -27.39
C GLN A 65 21.02 -12.66 -28.72
N SER A 66 20.69 -13.94 -28.64
CA SER A 66 20.33 -14.73 -29.82
C SER A 66 19.60 -15.97 -29.33
N VAL A 67 18.94 -16.69 -30.23
CA VAL A 67 18.28 -17.94 -29.86
C VAL A 67 18.38 -18.88 -31.05
N SER A 68 18.33 -20.18 -30.79
CA SER A 68 18.18 -21.16 -31.87
C SER A 68 16.68 -21.34 -32.17
N SER A 69 15.84 -21.22 -31.14
CA SER A 69 14.40 -21.19 -31.37
C SER A 69 13.68 -20.62 -30.14
N ILE A 70 12.45 -20.16 -30.35
CA ILE A 70 11.61 -19.73 -29.26
C ILE A 70 10.64 -20.88 -28.95
N PRO A 71 10.52 -21.27 -27.67
CA PRO A 71 9.79 -22.49 -27.30
C PRO A 71 8.32 -22.51 -27.72
N SER A 72 7.73 -21.33 -27.89
CA SER A 72 6.33 -21.22 -28.32
C SER A 72 6.16 -21.46 -29.82
N GLY A 73 7.25 -21.36 -30.57
CA GLY A 73 7.17 -21.43 -32.01
C GLY A 73 7.10 -20.07 -32.70
N ASP A 74 6.93 -18.99 -31.93
CA ASP A 74 7.01 -17.66 -32.51
C ASP A 74 8.43 -17.47 -33.07
N THR A 75 8.60 -16.50 -33.97
CA THR A 75 9.87 -16.28 -34.65
C THR A 75 10.19 -14.77 -34.68
N GLY A 76 11.25 -14.40 -35.39
CA GLY A 76 11.60 -12.99 -35.46
C GLY A 76 12.13 -12.48 -34.12
N PHE A 77 13.02 -13.24 -33.51
CA PHE A 77 13.65 -12.81 -32.26
C PHE A 77 14.28 -11.42 -32.36
N VAL A 78 14.09 -10.61 -31.31
CA VAL A 78 14.81 -9.35 -31.16
C VAL A 78 15.22 -9.24 -29.70
N LYS A 79 16.50 -8.94 -29.46
CA LYS A 79 17.01 -8.86 -28.10
C LYS A 79 16.46 -7.64 -27.36
N PHE A 80 16.53 -7.65 -26.03
CA PHE A 80 16.07 -6.51 -25.24
C PHE A 80 16.86 -5.24 -25.53
N ASN A 81 16.18 -4.10 -25.60
CA ASN A 81 16.86 -2.81 -25.75
C ASN A 81 17.24 -2.26 -24.37
N ALA A 82 17.95 -1.13 -24.31
CA ALA A 82 18.45 -0.62 -23.03
C ALA A 82 17.33 -0.27 -22.04
N GLU A 83 16.24 0.30 -22.55
CA GLU A 83 15.13 0.68 -21.68
C GLU A 83 14.44 -0.55 -21.12
N GLN A 84 14.29 -1.59 -21.94
CA GLN A 84 13.66 -2.81 -21.48
C GLN A 84 14.50 -3.44 -20.38
N ILE A 85 15.82 -3.39 -20.56
CA ILE A 85 16.73 -3.94 -19.56
C ILE A 85 16.58 -3.23 -18.22
N GLU A 86 16.55 -1.90 -18.24
CA GLU A 86 16.43 -1.17 -16.98
C GLU A 86 15.09 -1.46 -16.29
N GLN A 87 14.03 -1.47 -17.09
CA GLN A 87 12.70 -1.69 -16.51
C GLN A 87 12.51 -3.13 -16.02
N ALA A 88 13.08 -4.08 -16.74
CA ALA A 88 13.04 -5.47 -16.27
C ALA A 88 13.76 -5.63 -14.92
N LYS A 89 14.89 -4.95 -14.76
CA LYS A 89 15.62 -5.04 -13.48
C LYS A 89 14.78 -4.41 -12.35
N LEU A 90 14.08 -3.33 -12.67
CA LEU A 90 13.20 -2.71 -11.67
C LEU A 90 12.06 -3.66 -11.28
N SER A 91 11.54 -4.38 -12.26
CA SER A 91 10.51 -5.38 -11.97
C SER A 91 11.06 -6.51 -11.10
N LEU A 92 12.23 -7.03 -11.46
CA LEU A 92 12.90 -8.05 -10.65
C LEU A 92 13.07 -7.56 -9.20
N GLN A 93 13.53 -6.33 -9.06
CA GLN A 93 13.72 -5.73 -7.73
C GLN A 93 12.42 -5.66 -6.94
N SER A 94 11.31 -5.37 -7.63
CA SER A 94 10.02 -5.31 -6.93
C SER A 94 9.60 -6.68 -6.41
N TRP A 95 10.07 -7.76 -7.05
CA TRP A 95 9.83 -9.10 -6.52
C TRP A 95 10.79 -9.45 -5.36
N SER A 96 12.09 -9.18 -5.54
CA SER A 96 13.06 -9.49 -4.49
C SER A 96 12.82 -8.62 -3.23
N ASP A 97 12.16 -7.48 -3.40
CA ASP A 97 11.79 -6.63 -2.25
C ASP A 97 10.86 -7.36 -1.30
N VAL A 98 9.95 -8.18 -1.83
CA VAL A 98 8.88 -8.73 -0.99
C VAL A 98 9.10 -10.17 -0.59
N ALA A 99 9.90 -10.90 -1.36
CA ALA A 99 10.17 -12.30 -1.06
C ALA A 99 11.66 -12.64 -1.08
N ASN A 100 12.02 -13.77 -0.48
CA ASN A 100 13.44 -14.13 -0.37
C ASN A 100 13.95 -14.76 -1.64
N LEU A 101 14.14 -13.87 -2.62
CA LEU A 101 14.67 -14.20 -3.93
C LEU A 101 15.89 -13.32 -4.12
N THR A 102 16.95 -13.87 -4.66
CA THR A 102 18.04 -13.04 -5.13
C THR A 102 18.20 -13.28 -6.61
N PHE A 103 18.45 -12.20 -7.36
CA PHE A 103 18.60 -12.32 -8.81
C PHE A 103 19.99 -11.87 -9.20
N THR A 104 20.68 -12.71 -9.96
CA THR A 104 22.01 -12.38 -10.43
C THR A 104 22.05 -12.54 -11.94
N GLU A 105 22.48 -11.49 -12.64
CA GLU A 105 22.54 -11.55 -14.10
C GLU A 105 23.69 -12.45 -14.58
N VAL A 106 23.44 -13.26 -15.59
CA VAL A 106 24.52 -13.97 -16.23
C VAL A 106 24.54 -13.59 -17.70
N THR A 107 25.67 -13.80 -18.36
CA THR A 107 25.79 -13.47 -19.76
C THR A 107 26.50 -14.60 -20.51
N GLY A 108 26.80 -14.38 -21.77
CA GLY A 108 27.48 -15.39 -22.56
C GLY A 108 26.64 -16.64 -22.71
N ASN A 109 27.27 -17.80 -22.59
CA ASN A 109 26.59 -19.07 -22.82
C ASN A 109 26.03 -19.69 -21.55
N LYS A 110 26.24 -19.03 -20.43
CA LYS A 110 25.70 -19.52 -19.17
C LYS A 110 24.18 -19.65 -19.24
N SER A 111 23.65 -20.72 -18.66
CA SER A 111 22.21 -20.90 -18.62
C SER A 111 21.66 -20.03 -17.49
N ALA A 112 20.38 -19.69 -17.57
CA ALA A 112 19.76 -18.85 -16.55
C ALA A 112 18.39 -19.39 -16.19
N ASN A 113 17.98 -19.15 -14.94
CA ASN A 113 16.65 -19.54 -14.52
C ASN A 113 15.61 -18.75 -15.29
N ILE A 114 15.80 -17.43 -15.34
CA ILE A 114 14.81 -16.56 -15.96
C ILE A 114 15.44 -15.85 -17.15
N THR A 115 14.77 -15.89 -18.30
CA THR A 115 15.33 -15.21 -19.47
C THR A 115 14.35 -14.23 -20.06
N PHE A 116 14.89 -13.25 -20.77
CA PHE A 116 14.09 -12.22 -21.43
C PHE A 116 14.46 -12.14 -22.91
N GLY A 117 13.45 -12.02 -23.77
CA GLY A 117 13.67 -11.86 -25.20
C GLY A 117 12.39 -11.36 -25.86
N ASN A 118 12.50 -10.75 -27.03
CA ASN A 118 11.32 -10.31 -27.79
C ASN A 118 11.10 -11.19 -29.01
N TYR A 119 9.87 -11.22 -29.52
CA TYR A 119 9.57 -11.87 -30.79
C TYR A 119 8.80 -10.87 -31.64
N THR A 120 8.64 -11.15 -32.93
CA THR A 120 7.95 -10.21 -33.82
C THR A 120 7.02 -10.90 -34.83
N ARG A 121 7.16 -12.23 -34.95
CA ARG A 121 6.43 -12.97 -35.98
C ARG A 121 5.89 -14.29 -35.43
N ASP A 122 4.88 -14.86 -36.08
CA ASP A 122 4.35 -16.17 -35.65
C ASP A 122 5.15 -17.32 -36.28
N ALA A 123 4.75 -18.56 -36.02
CA ALA A 123 5.45 -19.72 -36.54
C ALA A 123 5.41 -19.78 -38.08
N SER A 124 4.41 -19.14 -38.68
CA SER A 124 4.31 -19.08 -40.13
C SER A 124 5.21 -18.02 -40.76
N GLY A 125 5.84 -17.19 -39.93
CA GLY A 125 6.72 -16.14 -40.45
C GLY A 125 5.97 -14.85 -40.77
N ASN A 126 4.72 -14.74 -40.34
CA ASN A 126 3.95 -13.52 -40.59
C ASN A 126 4.01 -12.57 -39.41
N LEU A 127 3.98 -11.27 -39.70
CA LEU A 127 4.11 -10.26 -38.65
C LEU A 127 2.98 -10.44 -37.62
N ASP A 128 3.34 -10.38 -36.34
CA ASP A 128 2.36 -10.46 -35.26
C ASP A 128 2.36 -9.12 -34.55
N TYR A 129 1.37 -8.28 -34.82
CA TYR A 129 1.28 -7.01 -34.11
C TYR A 129 0.20 -7.04 -33.03
N GLY A 130 -0.45 -8.19 -32.86
CA GLY A 130 -1.58 -8.29 -31.94
C GLY A 130 -1.32 -8.84 -30.55
N THR A 131 -0.43 -9.80 -30.41
CA THR A 131 -0.19 -10.40 -29.10
C THR A 131 0.69 -9.51 -28.21
N GLN A 132 0.84 -9.88 -26.95
CA GLN A 132 1.53 -9.04 -25.97
C GLN A 132 2.77 -9.71 -25.38
N ALA A 133 2.59 -10.82 -24.66
CA ALA A 133 3.71 -11.46 -23.96
C ALA A 133 3.27 -12.78 -23.37
N TYR A 134 4.24 -13.62 -23.02
CA TYR A 134 3.94 -14.86 -22.29
C TYR A 134 5.17 -15.32 -21.54
N ALA A 135 4.99 -16.25 -20.61
CA ALA A 135 6.11 -16.75 -19.80
C ALA A 135 5.88 -18.19 -19.41
N TYR A 136 6.98 -18.90 -19.17
CA TYR A 136 6.92 -20.33 -18.84
C TYR A 136 7.24 -20.56 -17.35
N TYR A 137 6.49 -21.45 -16.71
CA TYR A 137 6.67 -21.75 -15.29
C TYR A 137 8.02 -22.41 -15.00
N PRO A 138 8.47 -22.35 -13.74
CA PRO A 138 9.71 -23.02 -13.35
C PRO A 138 9.63 -24.51 -13.66
N GLY A 139 10.78 -25.13 -13.87
CA GLY A 139 10.83 -26.54 -14.19
C GLY A 139 12.18 -26.89 -14.78
N ASN A 140 12.33 -28.14 -15.20
CA ASN A 140 13.58 -28.62 -15.78
C ASN A 140 13.47 -28.76 -17.30
N TYR A 141 12.29 -28.46 -17.83
CA TYR A 141 12.04 -28.60 -19.26
C TYR A 141 12.64 -27.44 -20.05
N GLN A 142 12.77 -27.63 -21.36
CA GLN A 142 13.36 -26.63 -22.24
C GLN A 142 12.49 -25.37 -22.30
N GLY A 143 13.06 -24.23 -21.91
CA GLY A 143 12.33 -22.99 -21.95
C GLY A 143 11.68 -22.60 -20.63
N ALA A 144 11.84 -23.45 -19.62
CA ALA A 144 11.29 -23.16 -18.30
C ALA A 144 11.86 -21.84 -17.81
N GLY A 145 11.00 -20.96 -17.29
CA GLY A 145 11.45 -19.67 -16.78
C GLY A 145 11.65 -18.60 -17.84
N SER A 146 11.48 -18.95 -19.11
CA SER A 146 11.69 -17.96 -20.16
C SER A 146 10.47 -17.06 -20.34
N SER A 147 10.73 -15.78 -20.63
CA SER A 147 9.64 -14.85 -20.86
C SER A 147 9.87 -14.11 -22.17
N TRP A 148 8.78 -13.82 -22.86
CA TRP A 148 8.82 -13.38 -24.26
C TRP A 148 7.80 -12.27 -24.47
N TYR A 149 8.19 -11.26 -25.24
CA TYR A 149 7.40 -10.04 -25.36
C TYR A 149 7.35 -9.61 -26.83
N ASN A 150 6.21 -9.06 -27.25
CA ASN A 150 6.03 -8.69 -28.65
C ASN A 150 6.66 -7.35 -28.97
N TYR A 151 7.75 -7.35 -29.73
CA TYR A 151 8.49 -6.11 -29.98
C TYR A 151 7.72 -5.16 -30.88
N ASN A 152 6.64 -5.66 -31.50
CA ASN A 152 5.81 -4.78 -32.33
C ASN A 152 4.82 -3.96 -31.50
N GLN A 153 4.78 -4.19 -30.19
CA GLN A 153 3.97 -3.35 -29.29
C GLN A 153 4.83 -2.21 -28.79
N SER A 154 4.39 -0.97 -28.94
CA SER A 154 5.16 0.16 -28.40
C SER A 154 5.30 0.04 -26.89
N ASN A 155 4.29 -0.51 -26.20
CA ASN A 155 4.39 -0.56 -24.73
C ASN A 155 5.52 -1.50 -24.29
N ILE A 156 5.78 -2.52 -25.11
CA ILE A 156 6.89 -3.46 -24.87
C ILE A 156 8.25 -2.83 -25.15
N ARG A 157 8.34 -2.03 -26.21
CA ARG A 157 9.60 -1.37 -26.56
C ARG A 157 9.93 -0.24 -25.61
N ASN A 158 8.89 0.40 -25.08
CA ASN A 158 9.02 1.61 -24.26
C ASN A 158 8.43 1.46 -22.86
N PRO A 159 8.84 0.43 -22.12
CA PRO A 159 8.14 0.14 -20.86
C PRO A 159 8.32 1.20 -19.79
N GLY A 160 9.32 2.07 -19.98
CA GLY A 160 9.58 3.14 -19.03
C GLY A 160 8.64 4.32 -19.20
N SER A 161 8.02 4.44 -20.38
CA SER A 161 7.08 5.54 -20.60
C SER A 161 5.67 5.04 -20.90
N GLU A 162 5.51 3.74 -21.10
CA GLU A 162 4.19 3.17 -21.34
C GLU A 162 3.97 2.14 -20.23
N GLU A 163 3.13 2.51 -19.27
CA GLU A 163 3.05 1.76 -18.01
C GLU A 163 2.64 0.30 -18.17
N TYR A 164 1.89 0.00 -19.22
CA TYR A 164 1.50 -1.38 -19.42
C TYR A 164 2.70 -2.29 -19.68
N GLY A 165 3.76 -1.72 -20.25
CA GLY A 165 4.96 -2.50 -20.54
C GLY A 165 5.66 -2.93 -19.27
N ARG A 166 5.82 -2.00 -18.34
CA ARG A 166 6.42 -2.34 -17.05
C ARG A 166 5.55 -3.35 -16.30
N GLN A 167 4.22 -3.14 -16.29
CA GLN A 167 3.34 -4.09 -15.63
C GLN A 167 3.47 -5.48 -16.26
N THR A 168 3.58 -5.53 -17.58
CA THR A 168 3.73 -6.81 -18.26
C THR A 168 5.01 -7.54 -17.85
N PHE A 169 6.11 -6.80 -17.72
CA PHE A 169 7.36 -7.40 -17.22
C PHE A 169 7.13 -8.00 -15.84
N THR A 170 6.56 -7.21 -14.94
CA THR A 170 6.34 -7.68 -13.58
C THR A 170 5.49 -8.95 -13.58
N HIS A 171 4.41 -8.92 -14.34
CA HIS A 171 3.47 -10.03 -14.44
C HIS A 171 4.13 -11.31 -15.02
N GLU A 172 4.88 -11.15 -16.10
CA GLU A 172 5.55 -12.28 -16.74
C GLU A 172 6.58 -12.91 -15.80
N ILE A 173 7.36 -12.07 -15.14
CA ILE A 173 8.31 -12.56 -14.15
C ILE A 173 7.61 -13.35 -13.03
N GLY A 174 6.46 -12.87 -12.57
CA GLY A 174 5.67 -13.60 -11.59
C GLY A 174 5.40 -15.04 -12.02
N HIS A 175 4.98 -15.22 -13.27
CA HIS A 175 4.78 -16.57 -13.80
C HIS A 175 6.07 -17.37 -13.87
N ALA A 176 7.16 -16.72 -14.29
CA ALA A 176 8.45 -17.39 -14.38
C ALA A 176 8.97 -17.78 -12.99
N LEU A 177 8.35 -17.21 -11.96
CA LEU A 177 8.68 -17.56 -10.57
C LEU A 177 7.75 -18.63 -10.01
N GLY A 178 6.67 -18.94 -10.72
CA GLY A 178 5.78 -20.01 -10.29
C GLY A 178 4.36 -19.56 -9.95
N LEU A 179 4.06 -18.27 -10.05
CA LEU A 179 2.71 -17.80 -9.75
C LEU A 179 1.72 -18.20 -10.83
N ALA A 180 0.57 -18.69 -10.42
CA ALA A 180 -0.51 -19.00 -11.37
C ALA A 180 -1.74 -18.17 -11.04
N HIS A 181 -2.44 -17.70 -12.06
CA HIS A 181 -3.64 -16.92 -11.83
C HIS A 181 -4.86 -17.57 -12.45
N TYR A 221 -7.85 1.70 -13.66
CA TYR A 221 -7.51 2.89 -12.87
C TYR A 221 -7.29 4.11 -13.75
N ASN A 222 -8.32 4.48 -14.50
CA ASN A 222 -8.27 5.72 -15.25
C ASN A 222 -7.14 5.74 -16.30
N GLY A 223 -6.79 4.58 -16.82
CA GLY A 223 -5.80 4.47 -17.87
C GLY A 223 -4.37 4.17 -17.43
N HIS A 224 -4.18 4.04 -16.12
CA HIS A 224 -2.84 3.77 -15.57
C HIS A 224 -2.72 2.31 -15.17
N TYR A 225 -1.48 1.84 -15.02
CA TYR A 225 -1.24 0.44 -14.69
C TYR A 225 -0.20 0.30 -13.59
N GLY A 226 -0.51 -0.50 -12.57
CA GLY A 226 0.38 -0.68 -11.45
C GLY A 226 1.62 -1.46 -11.93
N GLY A 227 2.81 -0.99 -11.57
CA GLY A 227 4.02 -1.60 -12.08
C GLY A 227 4.65 -2.68 -11.20
N ALA A 228 4.12 -2.84 -9.99
CA ALA A 228 4.72 -3.78 -9.02
C ALA A 228 3.67 -4.78 -8.53
N PRO A 229 4.11 -5.83 -7.82
CA PRO A 229 3.18 -6.89 -7.41
C PRO A 229 2.08 -6.37 -6.52
N MET A 230 0.86 -6.85 -6.74
CA MET A 230 -0.27 -6.35 -5.94
C MET A 230 -0.55 -7.30 -4.76
N ILE A 231 -1.57 -6.99 -3.97
CA ILE A 231 -1.70 -7.64 -2.66
C ILE A 231 -1.71 -9.18 -2.70
N ASP A 232 -2.49 -9.77 -3.59
CA ASP A 232 -2.57 -11.23 -3.63
C ASP A 232 -1.28 -11.88 -4.09
N ASP A 233 -0.61 -11.26 -5.06
CA ASP A 233 0.65 -11.79 -5.56
C ASP A 233 1.77 -11.69 -4.53
N ILE A 234 1.73 -10.64 -3.71
CA ILE A 234 2.71 -10.53 -2.63
C ILE A 234 2.52 -11.71 -1.67
N ALA A 235 1.27 -11.97 -1.27
CA ALA A 235 1.00 -13.12 -0.39
C ALA A 235 1.45 -14.43 -1.05
N ALA A 236 1.09 -14.62 -2.31
CA ALA A 236 1.41 -15.86 -3.02
C ALA A 236 2.91 -16.10 -3.15
N ILE A 237 3.65 -15.06 -3.53
CA ILE A 237 5.09 -15.21 -3.73
C ILE A 237 5.82 -15.44 -2.40
N GLN A 238 5.29 -14.87 -1.31
CA GLN A 238 5.88 -15.08 0.00
C GLN A 238 5.59 -16.49 0.50
N ARG A 239 4.43 -17.02 0.14
CA ARG A 239 4.12 -18.41 0.46
C ARG A 239 5.14 -19.35 -0.19
N LEU A 240 5.53 -19.05 -1.42
CA LEU A 240 6.51 -19.89 -2.12
C LEU A 240 7.93 -19.74 -1.57
N TYR A 241 8.39 -18.50 -1.41
CA TYR A 241 9.81 -18.28 -1.15
C TYR A 241 10.14 -17.67 0.22
N GLY A 242 9.11 -17.36 0.99
CA GLY A 242 9.31 -16.70 2.28
C GLY A 242 9.30 -15.19 2.12
N ALA A 243 8.91 -14.48 3.18
CA ALA A 243 8.84 -13.03 3.11
C ALA A 243 10.20 -12.43 3.36
N ASN A 244 10.48 -11.29 2.71
CA ASN A 244 11.75 -10.61 2.89
C ASN A 244 11.62 -9.60 4.02
N MET A 245 12.15 -9.95 5.18
CA MET A 245 11.98 -9.11 6.37
C MET A 245 13.05 -8.03 6.50
N THR A 246 13.89 -7.87 5.47
CA THR A 246 14.93 -6.85 5.52
C THR A 246 14.55 -5.58 4.76
N THR A 247 13.38 -5.57 4.14
CA THR A 247 13.02 -4.48 3.24
C THR A 247 12.41 -3.28 3.96
N ARG A 248 13.01 -2.11 3.75
CA ARG A 248 12.49 -0.86 4.29
C ARG A 248 12.16 -0.95 5.78
N THR A 249 13.12 -1.41 6.58
CA THR A 249 12.89 -1.59 8.01
C THR A 249 13.04 -0.28 8.79
N GLY A 250 13.42 0.80 8.11
CA GLY A 250 13.49 2.12 8.72
C GLY A 250 12.15 2.84 8.67
N ASP A 251 12.11 4.12 9.03
CA ASP A 251 10.88 4.91 8.92
C ASP A 251 10.65 5.30 7.46
N SER A 252 9.65 4.69 6.84
CA SER A 252 9.50 4.78 5.39
C SER A 252 8.33 5.66 5.01
N VAL A 253 8.50 6.47 3.97
CA VAL A 253 7.40 7.32 3.52
C VAL A 253 6.99 6.94 2.10
N TYR A 254 5.70 6.65 1.93
CA TYR A 254 5.12 6.25 0.64
C TYR A 254 4.23 7.37 0.08
N GLY A 255 4.36 7.65 -1.20
CA GLY A 255 3.56 8.69 -1.84
C GLY A 255 4.39 9.92 -2.15
N PHE A 256 3.94 11.09 -1.71
CA PHE A 256 4.72 12.31 -1.85
C PHE A 256 5.87 12.30 -0.85
N ASN A 257 6.96 12.98 -1.20
CA ASN A 257 8.11 13.04 -0.31
C ASN A 257 8.61 11.67 0.10
N SER A 258 8.56 10.72 -0.84
CA SER A 258 8.90 9.34 -0.53
C SER A 258 10.40 9.16 -0.35
N ASN A 259 10.80 8.28 0.57
CA ASN A 259 12.20 7.94 0.69
C ASN A 259 12.45 6.49 0.26
N THR A 260 11.56 5.95 -0.58
CA THR A 260 11.65 4.53 -0.92
C THR A 260 12.63 4.22 -2.06
N ASP A 261 12.92 5.22 -2.88
CA ASP A 261 13.70 4.98 -4.11
C ASP A 261 13.03 3.89 -4.96
N ARG A 262 11.70 3.85 -4.95
CA ARG A 262 10.93 2.99 -5.86
C ARG A 262 9.94 3.84 -6.64
N ASP A 263 10.00 3.79 -7.96
CA ASP A 263 9.10 4.62 -8.74
C ASP A 263 7.62 4.35 -8.43
N PHE A 264 7.25 3.10 -8.21
CA PHE A 264 5.84 2.77 -7.95
C PHE A 264 5.31 3.21 -6.58
N TYR A 265 6.20 3.61 -5.68
CA TYR A 265 5.76 4.12 -4.38
C TYR A 265 5.90 5.65 -4.29
N THR A 266 6.25 6.27 -5.40
CA THR A 266 6.67 7.67 -5.39
C THR A 266 5.77 8.53 -6.27
N ALA A 267 5.30 9.65 -5.74
CA ALA A 267 4.57 10.63 -6.54
C ALA A 267 5.35 11.94 -6.47
N THR A 268 5.74 12.48 -7.62
CA THR A 268 6.56 13.69 -7.64
C THR A 268 5.71 14.93 -7.79
N ASP A 269 4.51 14.76 -8.32
CA ASP A 269 3.55 15.86 -8.33
C ASP A 269 2.13 15.32 -8.47
N SER A 270 1.15 16.21 -8.38
CA SER A 270 -0.25 15.84 -8.22
C SER A 270 -0.83 15.18 -9.45
N SER A 271 -0.09 15.22 -10.55
CA SER A 271 -0.54 14.58 -11.78
C SER A 271 -0.14 13.10 -11.82
N LYS A 272 0.71 12.69 -10.89
CA LYS A 272 1.16 11.30 -10.86
C LYS A 272 0.15 10.41 -10.14
N ALA A 273 -0.21 9.29 -10.76
CA ALA A 273 -1.14 8.34 -10.16
C ALA A 273 -0.35 7.31 -9.36
N LEU A 274 -0.86 6.95 -8.20
CA LEU A 274 -0.22 5.90 -7.41
C LEU A 274 -1.05 4.64 -7.47
N ILE A 275 -0.41 3.53 -7.83
CA ILE A 275 -1.05 2.22 -7.80
C ILE A 275 -0.05 1.25 -7.18
N PHE A 276 -0.29 0.84 -5.95
CA PHE A 276 0.65 -0.06 -5.27
C PHE A 276 0.03 -0.82 -4.12
N SER A 277 0.70 -1.90 -3.73
CA SER A 277 0.38 -2.59 -2.49
C SER A 277 1.68 -2.57 -1.70
N VAL A 278 1.68 -1.91 -0.54
CA VAL A 278 2.94 -1.72 0.17
C VAL A 278 3.40 -2.96 0.95
N TRP A 279 4.67 -3.32 0.74
CA TRP A 279 5.37 -4.24 1.62
C TRP A 279 6.40 -3.43 2.42
N ASP A 280 6.41 -3.63 3.73
CA ASP A 280 7.30 -2.88 4.61
C ASP A 280 7.57 -3.76 5.83
N ALA A 281 8.84 -3.98 6.15
CA ALA A 281 9.19 -4.94 7.18
C ALA A 281 9.57 -4.37 8.56
N GLY A 282 9.41 -3.06 8.77
CA GLY A 282 9.68 -2.54 10.10
C GLY A 282 9.71 -1.02 10.17
N GLY A 283 9.69 -0.44 11.37
CA GLY A 283 9.84 1.01 11.50
C GLY A 283 8.52 1.75 11.57
N THR A 284 8.57 3.06 11.68
CA THR A 284 7.34 3.87 11.75
C THR A 284 7.14 4.53 10.40
N ASP A 285 6.05 4.18 9.72
CA ASP A 285 5.90 4.50 8.31
C ASP A 285 4.71 5.41 8.04
N THR A 286 4.78 6.15 6.94
CA THR A 286 3.76 7.15 6.61
C THR A 286 3.25 7.00 5.18
N PHE A 287 1.93 7.08 5.02
CA PHE A 287 1.29 7.30 3.73
C PHE A 287 1.15 8.81 3.54
N ASP A 288 1.99 9.41 2.70
CA ASP A 288 1.90 10.85 2.48
C ASP A 288 1.18 11.09 1.16
N PHE A 289 -0.12 11.35 1.24
CA PHE A 289 -0.89 11.64 0.03
C PHE A 289 -1.30 13.11 0.01
N SER A 290 -0.41 13.96 0.51
CA SER A 290 -0.68 15.37 0.75
C SER A 290 -0.79 16.21 -0.52
N GLY A 291 -0.27 15.70 -1.63
CA GLY A 291 -0.19 16.49 -2.86
C GLY A 291 -1.44 16.50 -3.72
N TYR A 292 -2.46 15.73 -3.34
CA TYR A 292 -3.68 15.63 -4.13
C TYR A 292 -4.79 16.54 -3.60
N SER A 293 -5.68 16.96 -4.49
CA SER A 293 -6.82 17.78 -4.08
C SER A 293 -8.12 16.97 -4.05
N ASN A 294 -8.07 15.73 -4.54
CA ASN A 294 -9.25 14.87 -4.55
C ASN A 294 -9.69 14.53 -3.13
N ASN A 295 -10.97 14.22 -2.96
CA ASN A 295 -11.41 13.64 -1.68
C ASN A 295 -10.86 12.23 -1.60
N GLN A 296 -10.10 11.91 -0.55
CA GLN A 296 -9.45 10.60 -0.49
C GLN A 296 -9.95 9.80 0.69
N ARG A 297 -9.87 8.49 0.58
CA ARG A 297 -10.14 7.61 1.71
C ARG A 297 -8.89 6.80 1.98
N ILE A 298 -8.26 7.06 3.12
CA ILE A 298 -6.97 6.45 3.43
C ILE A 298 -7.16 5.53 4.62
N ASN A 299 -6.91 4.23 4.41
CA ASN A 299 -7.12 3.23 5.45
C ASN A 299 -5.79 2.55 5.80
N LEU A 300 -5.40 2.63 7.07
CA LEU A 300 -4.11 2.10 7.50
C LEU A 300 -4.20 0.64 7.96
N ASN A 301 -5.40 0.06 7.90
CA ASN A 301 -5.53 -1.34 8.30
C ASN A 301 -4.83 -2.30 7.35
N GLU A 302 -4.08 -3.22 7.94
CA GLU A 302 -3.42 -4.31 7.21
C GLU A 302 -4.44 -4.99 6.29
N GLY A 303 -4.08 -5.16 5.02
CA GLY A 303 -4.95 -5.85 4.07
C GLY A 303 -6.05 -4.96 3.48
N SER A 304 -6.11 -3.69 3.89
CA SER A 304 -7.21 -2.83 3.44
C SER A 304 -6.84 -1.98 2.24
N PHE A 305 -7.86 -1.48 1.53
CA PHE A 305 -7.67 -0.67 0.33
C PHE A 305 -8.01 0.78 0.57
N SER A 306 -7.29 1.66 -0.13
CA SER A 306 -7.50 3.10 -0.01
C SER A 306 -7.88 3.66 -1.37
N ASP A 307 -8.58 4.79 -1.38
CA ASP A 307 -8.95 5.50 -2.60
C ASP A 307 -8.14 6.78 -2.65
N VAL A 308 -7.10 6.79 -3.49
CA VAL A 308 -6.06 7.80 -3.40
C VAL A 308 -5.93 8.58 -4.71
N GLY A 309 -5.74 9.89 -4.61
CA GLY A 309 -5.53 10.72 -5.79
C GLY A 309 -6.66 10.67 -6.82
N GLY A 310 -7.88 10.45 -6.36
CA GLY A 310 -9.02 10.42 -7.26
C GLY A 310 -9.34 9.08 -7.89
N LEU A 311 -8.51 8.06 -7.61
CA LEU A 311 -8.74 6.71 -8.10
C LEU A 311 -9.43 5.89 -7.00
N LYS A 312 -9.90 4.69 -7.33
CA LYS A 312 -10.52 3.86 -6.32
C LYS A 312 -9.79 2.55 -6.13
N GLY A 313 -9.51 2.23 -4.86
CA GLY A 313 -8.84 0.98 -4.51
C GLY A 313 -7.47 0.83 -5.13
N ASN A 314 -6.80 1.95 -5.38
CA ASN A 314 -5.48 1.92 -6.03
C ASN A 314 -4.32 1.65 -5.09
N VAL A 315 -4.56 1.82 -3.80
CA VAL A 315 -3.53 1.60 -2.79
C VAL A 315 -4.01 0.56 -1.79
N SER A 316 -3.12 -0.37 -1.43
CA SER A 316 -3.46 -1.34 -0.40
C SER A 316 -2.24 -1.59 0.48
N ILE A 317 -2.47 -2.20 1.64
CA ILE A 317 -1.39 -2.56 2.54
C ILE A 317 -1.33 -4.07 2.59
N ALA A 318 -0.18 -4.65 2.25
CA ALA A 318 -0.08 -6.11 2.19
C ALA A 318 -0.30 -6.77 3.54
N HIS A 319 -0.75 -8.01 3.50
CA HIS A 319 -0.87 -8.80 4.74
CA HIS A 319 -0.88 -8.80 4.72
C HIS A 319 0.50 -8.89 5.40
N GLY A 320 0.53 -8.71 6.72
CA GLY A 320 1.79 -8.77 7.45
C GLY A 320 2.47 -7.43 7.65
N VAL A 321 1.81 -6.36 7.24
CA VAL A 321 2.42 -5.03 7.30
C VAL A 321 1.66 -4.05 8.19
N THR A 322 2.39 -3.31 9.03
CA THR A 322 1.78 -2.22 9.80
C THR A 322 2.29 -0.86 9.33
N ILE A 323 1.40 -0.05 8.79
CA ILE A 323 1.71 1.35 8.46
C ILE A 323 1.13 2.25 9.56
N GLU A 324 1.90 3.23 10.04
CA GLU A 324 1.52 3.95 11.25
C GLU A 324 0.85 5.31 11.04
N ASN A 325 1.30 6.07 10.04
CA ASN A 325 0.85 7.46 9.91
C ASN A 325 0.23 7.72 8.55
N ALA A 326 -0.61 8.74 8.46
CA ALA A 326 -1.21 9.12 7.17
C ALA A 326 -1.37 10.63 7.08
N ILE A 327 -1.20 11.16 5.88
CA ILE A 327 -1.40 12.58 5.62
C ILE A 327 -2.31 12.74 4.41
N GLY A 328 -3.47 13.35 4.61
CA GLY A 328 -4.37 13.61 3.51
C GLY A 328 -3.98 14.85 2.71
N GLY A 329 -4.74 15.17 1.67
CA GLY A 329 -4.46 16.33 0.83
C GLY A 329 -5.46 17.45 1.10
N SER A 330 -5.66 18.33 0.12
CA SER A 330 -6.54 19.48 0.35
C SER A 330 -8.02 19.13 0.19
N GLY A 331 -8.30 17.87 -0.17
CA GLY A 331 -9.67 17.42 -0.35
C GLY A 331 -10.34 17.11 0.98
N ASN A 332 -11.64 16.77 0.94
CA ASN A 332 -12.35 16.33 2.14
C ASN A 332 -12.13 14.84 2.29
N ASP A 333 -11.24 14.48 3.23
CA ASP A 333 -10.73 13.10 3.30
C ASP A 333 -11.28 12.32 4.48
N ILE A 334 -11.16 11.00 4.38
CA ILE A 334 -11.41 10.11 5.50
C ILE A 334 -10.13 9.35 5.80
N LEU A 335 -9.62 9.52 7.01
CA LEU A 335 -8.41 8.82 7.43
C LEU A 335 -8.77 7.82 8.54
N VAL A 336 -8.56 6.55 8.26
CA VAL A 336 -8.89 5.50 9.22
C VAL A 336 -7.61 4.87 9.74
N GLY A 337 -7.36 5.05 11.04
CA GLY A 337 -6.19 4.46 11.67
C GLY A 337 -6.36 2.97 11.92
N ASN A 338 -5.36 2.34 12.51
CA ASN A 338 -5.44 0.92 12.85
C ASN A 338 -5.18 0.76 14.35
N SER A 339 -4.89 -0.45 14.82
CA SER A 339 -4.75 -0.63 16.27
C SER A 339 -3.44 -0.06 16.82
N ALA A 340 -2.53 0.31 15.93
CA ALA A 340 -1.25 0.89 16.34
C ALA A 340 -1.43 2.35 16.76
N ASP A 341 -0.39 2.96 17.31
CA ASP A 341 -0.43 4.38 17.62
C ASP A 341 -0.18 5.17 16.34
N ASN A 342 -1.19 5.89 15.87
CA ASN A 342 -1.12 6.54 14.56
C ASN A 342 -1.05 8.05 14.69
N ILE A 343 -0.29 8.68 13.81
CA ILE A 343 -0.35 10.14 13.68
C ILE A 343 -1.08 10.43 12.37
N LEU A 344 -2.25 11.05 12.48
CA LEU A 344 -3.09 11.31 11.31
C LEU A 344 -3.19 12.81 11.07
N GLN A 345 -2.94 13.25 9.85
CA GLN A 345 -3.04 14.67 9.50
C GLN A 345 -4.00 14.83 8.35
N GLY A 346 -5.12 15.51 8.58
CA GLY A 346 -6.11 15.65 7.54
C GLY A 346 -5.70 16.60 6.43
N GLY A 347 -4.86 17.59 6.72
CA GLY A 347 -4.55 18.63 5.74
C GLY A 347 -5.74 19.59 5.61
N ALA A 348 -5.75 20.42 4.57
CA ALA A 348 -6.86 21.34 4.33
C ALA A 348 -8.12 20.55 3.97
N GLY A 349 -9.26 21.21 3.82
CA GLY A 349 -10.49 20.47 3.55
C GLY A 349 -11.13 19.94 4.82
N ASN A 350 -12.37 19.46 4.71
CA ASN A 350 -13.11 19.02 5.90
C ASN A 350 -12.98 17.53 6.05
N ASP A 351 -12.13 17.11 6.99
CA ASP A 351 -11.73 15.71 7.08
C ASP A 351 -12.36 14.96 8.22
N VAL A 352 -12.47 13.65 8.06
CA VAL A 352 -12.89 12.78 9.14
C VAL A 352 -11.70 11.93 9.55
N LEU A 353 -11.32 12.01 10.83
CA LEU A 353 -10.19 11.23 11.35
C LEU A 353 -10.68 10.26 12.42
N TYR A 354 -10.25 9.01 12.30
CA TYR A 354 -10.66 7.94 13.20
C TYR A 354 -9.39 7.19 13.62
N GLY A 355 -8.94 7.41 14.85
CA GLY A 355 -7.68 6.82 15.28
C GLY A 355 -7.80 5.33 15.55
N GLY A 356 -8.98 4.89 15.97
CA GLY A 356 -9.16 3.49 16.34
C GLY A 356 -8.47 3.16 17.64
N ALA A 357 -8.11 1.90 17.88
CA ALA A 357 -7.43 1.55 19.12
C ALA A 357 -6.04 2.16 19.16
N GLY A 358 -5.42 2.20 20.33
CA GLY A 358 -4.08 2.77 20.45
C GLY A 358 -4.14 4.24 20.77
N ALA A 359 -2.98 4.79 21.13
CA ALA A 359 -2.83 6.19 21.51
C ALA A 359 -2.46 6.98 20.27
N ASP A 360 -3.44 7.65 19.67
CA ASP A 360 -3.22 8.33 18.40
C ASP A 360 -3.03 9.81 18.60
N THR A 361 -2.36 10.46 17.65
CA THR A 361 -2.21 11.91 17.68
C THR A 361 -2.83 12.49 16.41
N LEU A 362 -3.81 13.38 16.58
CA LEU A 362 -4.66 13.79 15.47
C LEU A 362 -4.58 15.28 15.19
N TYR A 363 -4.33 15.60 13.92
CA TYR A 363 -4.27 16.97 13.42
C TYR A 363 -5.31 17.08 12.34
N GLY A 364 -6.39 17.80 12.61
CA GLY A 364 -7.42 17.97 11.60
C GLY A 364 -6.93 18.85 10.46
N GLY A 365 -6.03 19.79 10.73
CA GLY A 365 -5.60 20.76 9.72
C GLY A 365 -6.62 21.87 9.52
N ALA A 366 -6.39 22.74 8.54
CA ALA A 366 -7.39 23.75 8.19
C ALA A 366 -8.70 23.04 7.87
N GLY A 367 -9.83 23.70 8.07
CA GLY A 367 -11.11 23.14 7.68
C GLY A 367 -11.93 22.63 8.84
N ARG A 368 -13.18 22.25 8.56
CA ARG A 368 -14.08 21.74 9.59
C ARG A 368 -13.94 20.23 9.71
N ASP A 369 -13.11 19.80 10.66
CA ASP A 369 -12.78 18.39 10.78
C ASP A 369 -13.55 17.72 11.88
N THR A 370 -13.68 16.40 11.76
CA THR A 370 -14.40 15.61 12.76
C THR A 370 -13.52 14.48 13.26
N PHE A 371 -13.37 14.40 14.58
CA PHE A 371 -12.54 13.35 15.19
C PHE A 371 -13.50 12.34 15.79
N VAL A 372 -13.47 11.12 15.26
CA VAL A 372 -14.51 10.15 15.55
C VAL A 372 -14.04 9.07 16.52
N TYR A 373 -14.90 8.77 17.50
CA TYR A 373 -14.63 7.72 18.48
C TYR A 373 -15.73 6.67 18.43
N GLY A 374 -15.35 5.43 18.17
CA GLY A 374 -16.32 4.37 17.96
C GLY A 374 -16.56 3.46 19.16
N SER A 375 -15.72 3.59 20.17
CA SER A 375 -15.91 2.81 21.38
C SER A 375 -14.97 3.31 22.47
N GLY A 376 -15.24 2.90 23.71
CA GLY A 376 -14.41 3.30 24.84
C GLY A 376 -12.99 2.81 24.69
N GLN A 377 -12.79 1.74 23.93
CA GLN A 377 -11.44 1.21 23.75
C GLN A 377 -10.57 2.06 22.81
N ASP A 378 -11.17 3.05 22.13
CA ASP A 378 -10.40 3.90 21.22
C ASP A 378 -9.44 4.83 21.96
N SER A 379 -9.76 5.17 23.19
CA SER A 379 -8.94 6.16 23.89
C SER A 379 -9.00 5.94 25.39
N THR A 380 -8.39 4.85 25.84
CA THR A 380 -8.35 4.54 27.25
C THR A 380 -7.40 5.49 27.95
N VAL A 381 -7.59 5.67 29.25
CA VAL A 381 -6.67 6.51 30.00
C VAL A 381 -5.23 6.01 29.88
N ALA A 382 -5.05 4.69 29.87
CA ALA A 382 -3.71 4.10 29.81
C ALA A 382 -3.02 4.31 28.45
N ALA A 383 -3.79 4.68 27.44
CA ALA A 383 -3.24 4.92 26.11
C ALA A 383 -4.09 5.91 25.32
N TYR A 384 -4.17 7.14 25.83
CA TYR A 384 -5.12 8.12 25.32
C TYR A 384 -4.67 8.83 24.03
N ASP A 385 -5.66 9.24 23.25
CA ASP A 385 -5.44 10.07 22.07
C ASP A 385 -5.07 11.49 22.49
N TRP A 386 -4.28 12.15 21.64
CA TRP A 386 -4.15 13.60 21.64
C TRP A 386 -4.84 14.15 20.40
N ILE A 387 -5.58 15.26 20.54
CA ILE A 387 -6.00 16.03 19.37
C ILE A 387 -5.25 17.36 19.46
N ALA A 388 -4.28 17.54 18.58
CA ALA A 388 -3.24 18.56 18.79
C ALA A 388 -3.55 19.93 18.20
N ASP A 389 -4.57 20.02 17.34
CA ASP A 389 -4.88 21.29 16.70
C ASP A 389 -6.37 21.61 16.69
N PHE A 390 -7.07 21.17 17.71
CA PHE A 390 -8.53 21.33 17.73
C PHE A 390 -8.96 22.79 17.62
N GLN A 391 -9.99 23.04 16.80
CA GLN A 391 -10.52 24.40 16.61
C GLN A 391 -11.92 24.54 17.19
N LYS A 392 -12.01 25.16 18.37
CA LYS A 392 -13.30 25.38 19.00
C LYS A 392 -14.22 26.12 18.03
N GLY A 393 -15.47 25.67 17.93
CA GLY A 393 -16.45 26.30 17.07
C GLY A 393 -16.36 25.87 15.61
N ILE A 394 -15.38 25.04 15.29
CA ILE A 394 -15.12 24.70 13.90
C ILE A 394 -15.02 23.20 13.70
N ASP A 395 -14.15 22.56 14.47
CA ASP A 395 -14.01 21.10 14.47
C ASP A 395 -15.11 20.49 15.32
N LYS A 396 -15.28 19.17 15.19
CA LYS A 396 -16.24 18.41 15.97
C LYS A 396 -15.57 17.18 16.53
N ILE A 397 -16.03 16.72 17.69
CA ILE A 397 -15.67 15.39 18.20
C ILE A 397 -16.93 14.54 18.26
N ASP A 398 -16.91 13.40 17.57
CA ASP A 398 -18.10 12.58 17.40
C ASP A 398 -18.11 11.42 18.38
N LEU A 399 -19.02 11.51 19.35
CA LEU A 399 -19.20 10.46 20.35
C LEU A 399 -20.56 9.78 20.20
N SER A 400 -21.15 9.86 19.00
CA SER A 400 -22.49 9.33 18.79
C SER A 400 -22.54 7.81 18.94
N ALA A 401 -21.42 7.15 18.67
CA ALA A 401 -21.35 5.70 18.79
C ALA A 401 -21.71 5.21 20.21
N PHE A 402 -21.50 6.06 21.21
CA PHE A 402 -21.79 5.65 22.58
C PHE A 402 -23.30 5.58 22.87
N ARG A 403 -24.12 6.05 21.94
CA ARG A 403 -25.57 5.96 22.09
C ARG A 403 -26.03 4.52 22.27
N ASN A 404 -25.29 3.57 21.70
CA ASN A 404 -25.72 2.18 21.72
C ASN A 404 -25.90 1.63 23.14
N GLU A 405 -25.30 2.30 24.11
CA GLU A 405 -25.52 1.93 25.51
C GLU A 405 -26.17 3.09 26.29
N GLY A 406 -26.68 4.07 25.55
CA GLY A 406 -27.37 5.21 26.14
C GLY A 406 -26.70 6.53 25.83
N GLN A 407 -27.42 7.42 25.15
CA GLN A 407 -26.84 8.69 24.72
C GLN A 407 -26.13 9.42 25.85
N LEU A 408 -24.90 9.87 25.60
CA LEU A 408 -24.12 10.56 26.61
C LEU A 408 -24.80 11.85 27.04
N SER A 409 -24.75 12.14 28.34
CA SER A 409 -25.15 13.44 28.87
C SER A 409 -23.92 14.26 29.16
N PHE A 410 -23.94 15.53 28.75
CA PHE A 410 -22.81 16.42 28.99
C PHE A 410 -22.91 17.01 30.39
N VAL A 411 -21.83 16.94 31.17
CA VAL A 411 -21.87 17.51 32.52
C VAL A 411 -20.83 18.61 32.65
N GLN A 412 -21.16 19.62 33.45
CA GLN A 412 -20.32 20.81 33.51
C GLN A 412 -19.01 20.60 34.27
N ASP A 413 -19.06 20.13 35.51
CA ASP A 413 -17.80 19.99 36.24
C ASP A 413 -17.74 18.82 37.23
N GLN A 414 -18.76 17.97 37.22
CA GLN A 414 -18.70 16.79 38.05
C GLN A 414 -19.53 15.67 37.47
N PHE A 415 -19.06 14.44 37.63
CA PHE A 415 -19.84 13.27 37.26
C PHE A 415 -20.81 12.93 38.39
N THR A 416 -21.95 12.35 38.03
CA THR A 416 -22.96 11.95 39.02
C THR A 416 -22.69 10.55 39.55
N GLY A 417 -21.98 9.75 38.76
CA GLY A 417 -21.77 8.36 39.10
C GLY A 417 -22.72 7.44 38.36
N LYS A 418 -23.72 8.03 37.72
CA LYS A 418 -24.71 7.27 36.97
C LYS A 418 -24.17 6.70 35.66
N GLY A 419 -23.07 7.25 35.16
CA GLY A 419 -22.50 6.77 33.92
C GLY A 419 -23.11 7.41 32.68
N GLN A 420 -22.57 7.04 31.51
CA GLN A 420 -22.92 7.66 30.24
C GLN A 420 -22.87 9.18 30.31
N GLU A 421 -21.76 9.71 30.82
CA GLU A 421 -21.57 11.14 30.94
C GLU A 421 -20.24 11.56 30.34
N VAL A 422 -20.18 12.78 29.82
CA VAL A 422 -18.95 13.32 29.25
C VAL A 422 -18.74 14.73 29.77
N MET A 423 -17.48 15.09 30.01
CA MET A 423 -17.13 16.37 30.61
C MET A 423 -15.90 16.91 29.92
N LEU A 424 -15.84 18.23 29.75
CA LEU A 424 -14.63 18.89 29.26
C LEU A 424 -13.97 19.62 30.42
N GLN A 425 -12.75 19.25 30.76
CA GLN A 425 -12.09 19.80 31.93
C GLN A 425 -10.89 20.61 31.49
N TRP A 426 -10.90 21.90 31.82
CA TRP A 426 -9.87 22.84 31.36
C TRP A 426 -8.67 22.92 32.33
N ASP A 427 -7.49 22.66 31.81
CA ASP A 427 -6.24 22.77 32.57
C ASP A 427 -5.63 24.11 32.19
N ALA A 428 -5.96 25.16 32.97
CA ALA A 428 -5.57 26.53 32.62
C ALA A 428 -4.06 26.72 32.59
N ALA A 429 -3.34 25.99 33.43
CA ALA A 429 -1.89 26.13 33.50
C ALA A 429 -1.22 25.70 32.20
N ASN A 430 -1.75 24.65 31.58
CA ASN A 430 -1.13 24.09 30.38
C ASN A 430 -1.93 24.34 29.09
N SER A 431 -3.10 24.96 29.23
CA SER A 431 -4.00 25.20 28.11
C SER A 431 -4.39 23.91 27.40
N ILE A 432 -4.69 22.88 28.19
CA ILE A 432 -5.12 21.59 27.69
C ILE A 432 -6.55 21.37 28.13
N THR A 433 -7.40 20.92 27.22
CA THR A 433 -8.74 20.49 27.60
C THR A 433 -8.75 18.97 27.69
N ASN A 434 -9.09 18.43 28.85
CA ASN A 434 -9.26 16.98 28.99
C ASN A 434 -10.72 16.57 28.80
N LEU A 435 -10.99 15.76 27.80
CA LEU A 435 -12.33 15.24 27.57
C LEU A 435 -12.43 13.90 28.28
N TRP A 436 -13.23 13.85 29.34
CA TRP A 436 -13.40 12.64 30.12
C TRP A 436 -14.76 12.04 29.80
N LEU A 437 -14.81 10.73 29.60
CA LEU A 437 -16.07 10.07 29.31
C LEU A 437 -16.22 8.91 30.28
N HIS A 438 -17.28 8.96 31.08
CA HIS A 438 -17.55 7.89 32.03
C HIS A 438 -18.66 6.98 31.50
N GLU A 439 -18.27 5.75 31.14
CA GLU A 439 -19.22 4.77 30.58
C GLU A 439 -19.94 4.02 31.68
N ALA A 440 -21.23 3.74 31.46
CA ALA A 440 -21.99 2.97 32.42
C ALA A 440 -21.34 1.61 32.63
N GLY A 441 -21.30 1.14 33.87
CA GLY A 441 -20.70 -0.14 34.17
C GLY A 441 -19.23 -0.07 34.53
N HIS A 442 -18.64 1.11 34.40
CA HIS A 442 -17.23 1.31 34.75
C HIS A 442 -17.14 1.95 36.14
N SER A 443 -16.38 1.34 37.04
CA SER A 443 -16.23 1.88 38.37
C SER A 443 -15.31 3.11 38.39
N SER A 444 -14.49 3.24 37.35
CA SER A 444 -13.63 4.41 37.20
C SER A 444 -13.86 5.06 35.83
N VAL A 445 -13.41 6.31 35.68
CA VAL A 445 -13.56 7.00 34.41
C VAL A 445 -12.41 6.54 33.51
N ASP A 446 -12.74 5.78 32.47
CA ASP A 446 -11.71 5.03 31.72
C ASP A 446 -11.39 5.56 30.32
N PHE A 447 -12.07 6.62 29.89
CA PHE A 447 -11.90 7.15 28.54
C PHE A 447 -11.47 8.61 28.67
N LEU A 448 -10.42 8.97 27.96
CA LEU A 448 -9.87 10.32 28.00
C LEU A 448 -9.32 10.65 26.63
N VAL A 449 -9.65 11.84 26.13
CA VAL A 449 -8.97 12.41 24.98
C VAL A 449 -8.40 13.77 25.40
N ARG A 450 -7.10 13.97 25.21
CA ARG A 450 -6.49 15.23 25.59
C ARG A 450 -6.39 16.13 24.38
N ILE A 451 -6.72 17.40 24.57
CA ILE A 451 -6.86 18.34 23.47
C ILE A 451 -5.97 19.54 23.71
N VAL A 452 -5.10 19.84 22.75
CA VAL A 452 -4.26 21.01 22.88
C VAL A 452 -5.03 22.21 22.39
N GLY A 453 -5.76 22.85 23.31
CA GLY A 453 -6.60 23.97 22.94
C GLY A 453 -7.93 23.90 23.65
N GLN A 454 -8.75 24.94 23.46
CA GLN A 454 -10.05 25.00 24.12
C GLN A 454 -11.08 24.22 23.30
N ALA A 455 -12.13 23.78 23.97
CA ALA A 455 -13.24 23.14 23.28
C ALA A 455 -14.52 23.49 24.02
N ALA A 456 -15.64 23.46 23.31
CA ALA A 456 -16.94 23.81 23.89
C ALA A 456 -17.88 22.62 23.82
N GLN A 457 -18.87 22.62 24.70
CA GLN A 457 -19.89 21.59 24.68
C GLN A 457 -20.49 21.42 23.28
N SER A 458 -20.70 22.53 22.59
CA SER A 458 -21.33 22.48 21.27
C SER A 458 -20.41 21.93 20.17
N ASP A 459 -19.14 21.68 20.50
CA ASP A 459 -18.23 21.00 19.56
C ASP A 459 -18.34 19.48 19.66
N ILE A 460 -19.03 19.01 20.70
CA ILE A 460 -19.10 17.57 20.97
C ILE A 460 -20.42 16.97 20.50
N ILE A 461 -20.34 16.03 19.58
CA ILE A 461 -21.54 15.36 19.09
C ILE A 461 -21.86 14.14 19.95
N VAL A 462 -23.02 14.17 20.61
CA VAL A 462 -23.46 13.01 21.39
C VAL A 462 -24.69 12.36 20.77
N ALA B 1 4.39 -25.45 -19.95
CA ALA B 1 3.38 -24.71 -19.19
C ALA B 1 3.52 -23.20 -19.43
N LYS B 2 2.67 -22.67 -20.31
CA LYS B 2 2.80 -21.27 -20.76
C LYS B 2 1.59 -20.41 -20.41
N ALA B 3 1.86 -19.25 -19.82
CA ALA B 3 0.80 -18.30 -19.48
C ALA B 3 0.90 -17.06 -20.38
N SER B 4 -0.21 -16.70 -21.03
CA SER B 4 -0.25 -15.53 -21.91
C SER B 4 -0.76 -14.27 -21.23
N GLN B 5 -0.08 -13.15 -21.45
CA GLN B 5 -0.54 -11.84 -20.99
C GLN B 5 -1.47 -11.20 -22.01
N ALA B 6 -2.54 -10.57 -21.54
CA ALA B 6 -3.51 -9.92 -22.41
C ALA B 6 -2.91 -8.68 -23.07
N ALA B 7 -3.31 -8.42 -24.32
CA ALA B 7 -2.75 -7.32 -25.10
C ALA B 7 -3.47 -6.00 -24.86
CA CA C . 9.50 0.87 7.19
CA CA D . 5.58 0.08 10.45
CA CA E . -7.86 16.94 3.67
CA CA F . -4.76 3.77 16.19
CA CA G . -8.78 19.46 7.51
CA CA H . -9.72 21.87 11.47
ZN ZN I . -1.01 -14.09 -14.53
CA CA J . -7.08 5.82 19.58
ZN ZN K . 0.67 6.55 -14.01
CL CL L . -8.37 -0.23 15.47
CL CL M . -3.94 -6.88 -40.69
CL CL N . -9.96 26.44 9.36
CL CL O . -9.80 24.08 4.42
#